data_4EXR
#
_entry.id   4EXR
#
_cell.length_a   77.631
_cell.length_b   77.631
_cell.length_c   84.855
_cell.angle_alpha   90.000
_cell.angle_beta   90.000
_cell.angle_gamma   90.000
#
_symmetry.space_group_name_H-M   'P 43 2 2'
#
loop_
_entity.id
_entity.type
_entity.pdbx_description
1 polymer 'Putative lipoprotein'
2 non-polymer 'SODIUM ION'
3 non-polymer 'PHOSPHATE ION'
4 water water
#
_entity_poly.entity_id   1
_entity_poly.type   'polypeptide(L)'
_entity_poly.pdbx_seq_one_letter_code
;GQDNTKKEANASNNALKDEKNNENL(MSE)EQDFKVPYTDAINIFKDKYKDADIVDLSLERDLNKFVYTVEGVDDNNEYK
(MSE)KIDANTKDVLEDKTEKLDSEDLNGVARKEKLDLNDI(MSE)TPQQA(MSE)EIALKEQNGIVKEWSLDKDLDVTF
YKIRIDKDKNEYDIKVDSKKGTVLKVEKED
;
_entity_poly.pdbx_strand_id   A
#
# COMPACT_ATOMS: atom_id res chain seq x y z
N ASN A 22 -18.67 -7.91 -4.55
CA ASN A 22 -17.80 -8.04 -5.71
C ASN A 22 -16.34 -7.75 -5.36
N GLU A 23 -15.43 -8.32 -6.15
CA GLU A 23 -14.00 -8.29 -5.84
C GLU A 23 -13.21 -7.31 -6.71
N ASN A 24 -13.88 -6.68 -7.66
CA ASN A 24 -13.21 -5.71 -8.52
C ASN A 24 -13.05 -4.37 -7.81
N LEU A 25 -11.81 -4.02 -7.46
CA LEU A 25 -11.55 -2.74 -6.79
C LEU A 25 -11.93 -1.57 -7.67
N GLU A 27 -14.55 -1.33 -9.46
CA GLU A 27 -16.00 -1.11 -9.44
C GLU A 27 -16.49 -0.80 -8.03
N GLN A 28 -15.56 -0.44 -7.15
CA GLN A 28 -15.92 -0.08 -5.78
C GLN A 28 -15.76 1.42 -5.56
N ASP A 29 -16.55 1.98 -4.65
CA ASP A 29 -16.24 3.30 -4.12
C ASP A 29 -15.82 3.17 -2.67
N PHE A 30 -14.69 3.77 -2.32
CA PHE A 30 -14.24 3.69 -0.94
C PHE A 30 -14.50 5.01 -0.25
N LYS A 31 -15.34 4.96 0.78
CA LYS A 31 -15.70 6.18 1.49
C LYS A 31 -14.51 6.85 2.15
N VAL A 32 -13.51 6.05 2.50
CA VAL A 32 -12.28 6.55 3.11
C VAL A 32 -11.19 6.56 2.04
N PRO A 33 -10.73 7.76 1.67
CA PRO A 33 -9.66 7.81 0.66
C PRO A 33 -8.32 7.37 1.27
N TYR A 34 -7.38 6.93 0.43
CA TYR A 34 -6.13 6.39 0.96
C TYR A 34 -5.37 7.43 1.79
N THR A 35 -5.57 8.70 1.47
CA THR A 35 -4.91 9.78 2.20
C THR A 35 -5.40 9.90 3.64
N ASP A 36 -6.68 9.59 3.87
CA ASP A 36 -7.22 9.55 5.24
C ASP A 36 -6.61 8.42 6.05
N ALA A 37 -6.38 7.27 5.42
CA ALA A 37 -5.72 6.15 6.09
C ALA A 37 -4.28 6.53 6.49
N ILE A 38 -3.57 7.15 5.56
CA ILE A 38 -2.24 7.70 5.84
C ILE A 38 -2.29 8.67 7.02
N ASN A 39 -3.26 9.57 7.03
CA ASN A 39 -3.36 10.57 8.10
C ASN A 39 -3.70 9.98 9.46
N ILE A 40 -4.55 8.96 9.50
CA ILE A 40 -4.85 8.26 10.74
C ILE A 40 -3.57 7.65 11.31
N PHE A 41 -2.80 7.00 10.45
CA PHE A 41 -1.55 6.39 10.88
C PHE A 41 -0.58 7.45 11.41
N LYS A 42 -0.40 8.51 10.65
CA LYS A 42 0.59 9.55 10.99
C LYS A 42 0.21 10.30 12.25
N ASP A 43 -1.10 10.44 12.46
CA ASP A 43 -1.60 11.11 13.64
C ASP A 43 -1.30 10.31 14.91
N LYS A 44 -1.33 8.99 14.80
CA LYS A 44 -1.12 8.11 15.95
C LYS A 44 0.37 7.90 16.22
N TYR A 45 1.15 7.78 15.14
CA TYR A 45 2.57 7.51 15.22
C TYR A 45 3.31 8.66 14.55
N LYS A 46 3.44 9.76 15.28
N LYS A 46 3.43 9.76 15.27
CA LYS A 46 3.88 11.03 14.73
CA LYS A 46 3.87 11.02 14.68
C LYS A 46 5.32 11.05 14.27
C LYS A 46 5.33 11.06 14.26
N ASP A 47 6.13 10.11 14.75
CA ASP A 47 7.55 10.05 14.36
C ASP A 47 7.86 8.92 13.38
N ALA A 48 6.83 8.17 12.98
CA ALA A 48 7.06 7.01 12.12
C ALA A 48 7.05 7.39 10.63
N ASP A 49 7.82 6.66 9.83
CA ASP A 49 7.78 6.78 8.39
C ASP A 49 7.02 5.60 7.80
N ILE A 50 6.11 5.89 6.86
CA ILE A 50 5.36 4.80 6.23
C ILE A 50 6.23 4.05 5.25
N VAL A 51 6.23 2.73 5.36
CA VAL A 51 7.06 1.90 4.49
C VAL A 51 6.24 1.00 3.56
N ASP A 52 4.96 0.80 3.86
CA ASP A 52 4.06 0.01 3.00
C ASP A 52 2.64 0.49 3.19
N LEU A 53 1.87 0.47 2.10
CA LEU A 53 0.45 0.80 2.17
C LEU A 53 -0.25 -0.08 1.15
N SER A 54 -1.39 -0.64 1.51
CA SER A 54 -2.12 -1.46 0.57
C SER A 54 -3.62 -1.42 0.83
N LEU A 55 -4.38 -1.81 -0.18
CA LEU A 55 -5.82 -1.96 -0.04
C LEU A 55 -6.16 -3.33 -0.61
N GLU A 56 -6.89 -4.12 0.18
CA GLU A 56 -7.32 -5.43 -0.28
C GLU A 56 -8.67 -5.78 0.33
N ARG A 57 -9.31 -6.78 -0.24
N ARG A 57 -9.32 -6.78 -0.24
CA ARG A 57 -10.57 -7.30 0.28
CA ARG A 57 -10.59 -7.25 0.31
C ARG A 57 -10.27 -8.30 1.39
C ARG A 57 -10.31 -8.31 1.36
N ASP A 58 -11.01 -8.21 2.49
CA ASP A 58 -10.90 -9.21 3.55
C ASP A 58 -12.31 -9.64 3.93
N LEU A 59 -12.72 -10.79 3.41
CA LEU A 59 -14.11 -11.26 3.54
C LEU A 59 -15.09 -10.22 2.99
N ASN A 60 -15.87 -9.62 3.88
CA ASN A 60 -16.86 -8.63 3.47
C ASN A 60 -16.48 -7.20 3.79
N LYS A 61 -15.18 -6.95 3.94
CA LYS A 61 -14.66 -5.61 4.19
C LYS A 61 -13.54 -5.29 3.19
N PHE A 62 -13.37 -4.02 2.87
CA PHE A 62 -12.15 -3.59 2.21
C PHE A 62 -11.31 -2.89 3.25
N VAL A 63 -10.02 -3.19 3.23
CA VAL A 63 -9.16 -2.85 4.34
C VAL A 63 -7.85 -2.24 3.84
N TYR A 64 -7.52 -1.06 4.34
CA TYR A 64 -6.21 -0.46 4.17
C TYR A 64 -5.28 -1.05 5.22
N THR A 65 -4.09 -1.44 4.79
CA THR A 65 -3.05 -1.81 5.76
C THR A 65 -1.95 -0.77 5.59
N VAL A 66 -1.59 -0.09 6.68
CA VAL A 66 -0.56 0.94 6.65
C VAL A 66 0.54 0.47 7.59
N GLU A 67 1.77 0.41 7.10
CA GLU A 67 2.89 -0.05 7.93
C GLU A 67 3.97 1.00 7.93
N GLY A 68 4.57 1.22 9.10
CA GLY A 68 5.63 2.20 9.19
C GLY A 68 6.62 1.82 10.27
N VAL A 69 7.67 2.61 10.40
CA VAL A 69 8.71 2.33 11.37
C VAL A 69 9.24 3.63 11.95
N ASP A 70 9.77 3.55 13.17
CA ASP A 70 10.61 4.62 13.68
C ASP A 70 11.99 4.02 14.01
N ASP A 71 12.71 4.62 14.94
CA ASP A 71 14.06 4.11 15.24
C ASP A 71 14.03 2.78 16.01
N ASN A 72 12.89 2.48 16.63
CA ASN A 72 12.79 1.39 17.60
C ASN A 72 11.76 0.31 17.28
N ASN A 73 10.65 0.72 16.66
CA ASN A 73 9.50 -0.15 16.44
C ASN A 73 9.03 -0.18 15.00
N GLU A 74 8.34 -1.25 14.64
CA GLU A 74 7.48 -1.24 13.46
C GLU A 74 6.04 -1.17 13.92
N TYR A 75 5.22 -0.52 13.10
CA TYR A 75 3.83 -0.26 13.45
C TYR A 75 2.98 -0.71 12.27
N LYS A 76 1.85 -1.32 12.56
CA LYS A 76 0.95 -1.76 11.51
CA LYS A 76 0.95 -1.81 11.52
C LYS A 76 -0.48 -1.47 11.90
N LYS A 78 -4.57 -1.56 10.49
CA LYS A 78 -5.58 -1.93 9.49
C LYS A 78 -6.81 -1.07 9.72
N ILE A 79 -7.30 -0.48 8.64
CA ILE A 79 -8.40 0.48 8.69
C ILE A 79 -9.45 0.07 7.66
N ASP A 80 -10.70 -0.06 8.10
CA ASP A 80 -11.82 -0.30 7.17
C ASP A 80 -11.95 0.86 6.18
N ALA A 81 -11.93 0.53 4.90
CA ALA A 81 -11.86 1.54 3.83
C ALA A 81 -13.21 2.22 3.60
N ASN A 82 -14.23 1.77 4.30
CA ASN A 82 -15.54 2.40 4.21
C ASN A 82 -16.01 3.03 5.52
N THR A 83 -15.67 2.40 6.65
CA THR A 83 -16.18 2.85 7.94
C THR A 83 -15.14 3.59 8.75
N LYS A 84 -13.88 3.45 8.38
CA LYS A 84 -12.75 4.08 9.07
C LYS A 84 -12.44 3.42 10.42
N ASP A 85 -13.13 2.32 10.74
CA ASP A 85 -12.84 1.56 11.96
C ASP A 85 -11.41 1.02 11.94
N VAL A 86 -10.70 1.14 13.06
CA VAL A 86 -9.38 0.55 13.21
C VAL A 86 -9.54 -0.94 13.55
N LEU A 87 -9.14 -1.81 12.66
CA LEU A 87 -9.32 -3.25 12.84
C LEU A 87 -8.10 -3.90 13.51
N GLU A 88 -6.96 -3.28 13.35
CA GLU A 88 -5.75 -3.74 14.00
C GLU A 88 -4.82 -2.55 14.24
N ASP A 89 -4.14 -2.55 15.38
CA ASP A 89 -3.12 -1.54 15.66
C ASP A 89 -2.02 -2.28 16.41
N LYS A 90 -0.90 -2.52 15.73
CA LYS A 90 0.14 -3.39 16.26
C LYS A 90 1.48 -2.69 16.28
N THR A 91 2.15 -2.71 17.43
CA THR A 91 3.51 -2.22 17.58
C THR A 91 4.40 -3.43 17.91
N GLU A 92 5.56 -3.54 17.28
CA GLU A 92 6.54 -4.57 17.64
C GLU A 92 7.93 -3.96 17.62
N LYS A 93 8.76 -4.35 18.59
CA LYS A 93 10.16 -3.93 18.60
C LYS A 93 10.84 -4.39 17.30
N LEU A 94 11.64 -3.51 16.68
CA LEU A 94 12.37 -3.87 15.46
C LEU A 94 13.47 -4.88 15.79
N ASP A 95 13.82 -5.73 14.82
CA ASP A 95 15.03 -6.55 14.94
C ASP A 95 16.29 -5.69 15.07
N SER A 96 17.34 -6.29 15.62
N SER A 96 17.35 -6.27 15.62
CA SER A 96 18.62 -5.60 15.87
CA SER A 96 18.59 -5.53 15.87
C SER A 96 19.16 -4.88 14.65
C SER A 96 19.20 -4.87 14.63
N GLU A 97 19.08 -5.53 13.49
CA GLU A 97 19.67 -5.00 12.26
C GLU A 97 18.87 -3.86 11.63
N ASP A 98 17.68 -3.60 12.17
CA ASP A 98 16.78 -2.58 11.65
C ASP A 98 16.72 -1.34 12.54
N LEU A 99 17.31 -1.42 13.74
CA LEU A 99 17.20 -0.34 14.71
C LEU A 99 17.99 0.90 14.33
N ASN A 100 17.76 1.98 15.07
N ASN A 100 17.77 1.99 15.06
CA ASN A 100 18.49 3.23 14.94
CA ASN A 100 18.52 3.23 14.90
C ASN A 100 18.36 3.91 13.58
C ASN A 100 18.36 3.90 13.54
N GLY A 101 17.20 3.73 12.94
CA GLY A 101 16.89 4.40 11.70
C GLY A 101 17.14 3.60 10.44
N VAL A 102 17.72 2.41 10.57
CA VAL A 102 17.98 1.62 9.36
C VAL A 102 16.66 1.21 8.67
N ALA A 103 15.66 0.83 9.45
CA ALA A 103 14.34 0.47 8.86
C ALA A 103 13.72 1.62 8.09
N ARG A 104 14.01 2.85 8.51
CA ARG A 104 13.45 4.04 7.90
C ARG A 104 13.85 4.22 6.43
N LYS A 105 14.92 3.53 6.00
CA LYS A 105 15.38 3.69 4.62
C LYS A 105 14.36 3.17 3.59
N GLU A 106 13.42 2.36 4.05
CA GLU A 106 12.38 1.82 3.17
C GLU A 106 11.20 2.76 2.99
N LYS A 107 11.28 3.96 3.55
CA LYS A 107 10.11 4.83 3.56
C LYS A 107 9.68 5.23 2.17
N LEU A 108 8.37 5.24 1.97
CA LEU A 108 7.76 5.60 0.70
C LEU A 108 7.83 7.08 0.45
N ASP A 109 7.97 7.47 -0.82
CA ASP A 109 7.82 8.87 -1.18
C ASP A 109 6.37 9.10 -1.60
N LEU A 110 5.59 9.70 -0.71
CA LEU A 110 4.13 9.80 -0.93
C LEU A 110 3.68 11.19 -1.34
N ASN A 111 4.64 12.08 -1.57
CA ASN A 111 4.33 13.45 -1.97
C ASN A 111 4.11 13.57 -3.46
N ASP A 112 3.03 14.26 -3.83
CA ASP A 112 2.68 14.53 -5.23
C ASP A 112 2.53 13.28 -6.08
N ILE A 113 1.91 12.24 -5.54
CA ILE A 113 1.74 11.04 -6.33
C ILE A 113 0.34 11.02 -6.93
N THR A 115 -3.34 9.17 -7.91
CA THR A 115 -4.28 8.43 -7.08
C THR A 115 -4.23 6.95 -7.43
N PRO A 116 -4.71 6.10 -6.52
CA PRO A 116 -4.77 4.66 -6.82
C PRO A 116 -5.64 4.39 -8.05
N GLN A 117 -6.71 5.16 -8.22
CA GLN A 117 -7.59 5.04 -9.38
C GLN A 117 -6.79 5.27 -10.67
N GLN A 118 -6.02 6.35 -10.71
CA GLN A 118 -5.17 6.63 -11.86
C GLN A 118 -4.16 5.52 -12.13
N ALA A 119 -3.55 4.97 -11.08
CA ALA A 119 -2.59 3.89 -11.28
C ALA A 119 -3.26 2.62 -11.81
N GLU A 121 -6.01 2.38 -13.60
CA GLU A 121 -6.35 2.60 -15.02
C GLU A 121 -5.16 2.39 -15.94
N ILE A 122 -3.99 2.90 -15.55
CA ILE A 122 -2.77 2.67 -16.31
C ILE A 122 -2.43 1.18 -16.40
N ALA A 123 -2.52 0.49 -15.27
CA ALA A 123 -2.22 -0.94 -15.23
C ALA A 123 -3.18 -1.76 -16.08
N LEU A 124 -4.45 -1.37 -16.07
CA LEU A 124 -5.46 -2.10 -16.83
C LEU A 124 -5.31 -1.96 -18.34
N LYS A 125 -4.68 -0.85 -18.78
CA LYS A 125 -4.40 -0.65 -20.19
C LYS A 125 -3.19 -1.46 -20.63
N GLU A 126 -2.39 -1.87 -19.66
CA GLU A 126 -1.22 -2.71 -19.93
C GLU A 126 -1.63 -4.18 -19.91
N GLN A 127 -2.64 -4.49 -19.12
CA GLN A 127 -3.05 -5.87 -18.88
C GLN A 127 -4.48 -5.87 -18.40
N ASN A 128 -5.43 -6.22 -19.28
CA ASN A 128 -6.82 -6.24 -18.86
CA ASN A 128 -6.84 -6.31 -18.93
C ASN A 128 -7.09 -7.33 -17.83
N GLY A 129 -8.25 -7.24 -17.18
CA GLY A 129 -8.63 -8.20 -16.16
C GLY A 129 -9.32 -7.49 -15.03
N ILE A 130 -9.28 -8.10 -13.85
CA ILE A 130 -9.91 -7.57 -12.66
C ILE A 130 -8.86 -7.21 -11.61
N VAL A 131 -8.91 -5.99 -11.09
CA VAL A 131 -7.99 -5.52 -10.06
C VAL A 131 -8.43 -6.04 -8.69
N LYS A 132 -7.56 -6.82 -8.05
CA LYS A 132 -7.88 -7.45 -6.78
C LYS A 132 -7.27 -6.72 -5.58
N GLU A 133 -6.10 -6.11 -5.80
CA GLU A 133 -5.37 -5.44 -4.74
CA GLU A 133 -5.32 -5.48 -4.74
C GLU A 133 -4.47 -4.38 -5.34
N TRP A 134 -4.13 -3.37 -4.53
CA TRP A 134 -3.07 -2.46 -4.90
C TRP A 134 -2.22 -2.18 -3.67
N SER A 135 -0.96 -1.87 -3.91
CA SER A 135 -0.08 -1.45 -2.83
C SER A 135 0.88 -0.38 -3.34
N LEU A 136 1.50 0.30 -2.40
CA LEU A 136 2.55 1.24 -2.71
C LEU A 136 3.79 0.68 -2.04
N ASP A 137 4.90 0.66 -2.77
CA ASP A 137 6.14 0.07 -2.29
C ASP A 137 7.29 0.87 -2.91
N LYS A 138 8.50 0.67 -2.41
CA LYS A 138 9.65 1.35 -2.95
C LYS A 138 10.82 0.38 -3.12
N ASP A 139 11.44 0.44 -4.29
CA ASP A 139 12.72 -0.25 -4.51
C ASP A 139 13.56 0.63 -5.42
N LEU A 140 14.88 0.61 -5.23
CA LEU A 140 15.79 1.39 -6.07
C LEU A 140 15.41 2.86 -6.09
N ASP A 141 14.89 3.34 -4.95
CA ASP A 141 14.52 4.75 -4.77
C ASP A 141 13.28 5.18 -5.57
N VAL A 142 12.61 4.20 -6.17
CA VAL A 142 11.41 4.48 -6.95
C VAL A 142 10.21 4.01 -6.15
N THR A 143 9.29 4.91 -5.83
CA THR A 143 8.03 4.51 -5.19
C THR A 143 7.02 4.23 -6.29
N PHE A 144 6.48 3.03 -6.27
CA PHE A 144 5.56 2.62 -7.32
C PHE A 144 4.28 2.04 -6.74
N TYR A 145 3.19 2.15 -7.51
CA TYR A 145 2.00 1.36 -7.23
C TYR A 145 2.25 -0.03 -7.79
N LYS A 146 1.86 -1.05 -7.05
CA LYS A 146 1.90 -2.42 -7.56
C LYS A 146 0.45 -2.87 -7.64
N ILE A 147 -0.05 -3.05 -8.85
CA ILE A 147 -1.46 -3.40 -9.07
C ILE A 147 -1.59 -4.88 -9.37
N ARG A 148 -2.40 -5.58 -8.59
CA ARG A 148 -2.63 -7.00 -8.80
C ARG A 148 -3.89 -7.19 -9.67
N ILE A 149 -3.72 -7.84 -10.82
CA ILE A 149 -4.80 -8.01 -11.79
C ILE A 149 -4.93 -9.48 -12.16
N ASP A 150 -6.13 -10.04 -12.01
CA ASP A 150 -6.41 -11.43 -12.38
C ASP A 150 -7.10 -11.48 -13.74
N LYS A 151 -6.65 -12.38 -14.61
CA LYS A 151 -7.25 -12.57 -15.93
C LYS A 151 -7.15 -14.05 -16.30
N ASP A 152 -8.29 -14.70 -16.47
CA ASP A 152 -8.37 -16.14 -16.73
C ASP A 152 -7.72 -16.90 -15.57
N LYS A 153 -6.76 -17.76 -15.89
CA LYS A 153 -6.11 -18.57 -14.86
C LYS A 153 -4.99 -17.81 -14.13
N ASN A 154 -4.52 -16.71 -14.72
CA ASN A 154 -3.28 -16.07 -14.29
C ASN A 154 -3.41 -14.79 -13.45
N GLU A 155 -2.44 -14.58 -12.57
CA GLU A 155 -2.35 -13.37 -11.76
C GLU A 155 -1.15 -12.53 -12.22
N TYR A 156 -1.36 -11.22 -12.34
CA TYR A 156 -0.33 -10.32 -12.84
C TYR A 156 -0.11 -9.21 -11.83
N ASP A 157 1.17 -8.88 -11.60
CA ASP A 157 1.52 -7.71 -10.83
C ASP A 157 2.09 -6.67 -11.80
N ILE A 158 1.47 -5.50 -11.83
CA ILE A 158 1.90 -4.42 -12.69
C ILE A 158 2.44 -3.32 -11.79
N LYS A 159 3.69 -2.90 -12.01
CA LYS A 159 4.26 -1.82 -11.23
C LYS A 159 4.22 -0.53 -12.04
N VAL A 160 3.64 0.50 -11.44
CA VAL A 160 3.47 1.80 -12.09
C VAL A 160 4.18 2.89 -11.28
N ASP A 161 5.09 3.65 -11.91
CA ASP A 161 5.72 4.79 -11.25
C ASP A 161 4.66 5.73 -10.66
N SER A 162 4.76 6.01 -9.37
CA SER A 162 3.68 6.71 -8.66
C SER A 162 3.55 8.18 -9.06
N LYS A 163 4.60 8.74 -9.67
CA LYS A 163 4.54 10.12 -10.15
C LYS A 163 4.36 10.20 -11.67
N LYS A 164 5.15 9.42 -12.39
CA LYS A 164 5.25 9.55 -13.85
C LYS A 164 4.22 8.72 -14.60
N GLY A 165 3.68 7.70 -13.97
CA GLY A 165 2.68 6.84 -14.60
C GLY A 165 3.26 5.77 -15.51
N THR A 166 4.58 5.76 -15.62
CA THR A 166 5.31 4.77 -16.42
C THR A 166 5.07 3.35 -15.92
N VAL A 167 4.81 2.42 -16.83
CA VAL A 167 4.76 1.01 -16.45
C VAL A 167 6.20 0.50 -16.28
N LEU A 168 6.56 0.13 -15.06
CA LEU A 168 7.95 -0.21 -14.73
C LEU A 168 8.26 -1.69 -14.87
N LYS A 169 7.23 -2.52 -14.70
CA LYS A 169 7.40 -3.95 -14.71
C LYS A 169 6.06 -4.64 -14.78
N VAL A 170 6.02 -5.76 -15.50
CA VAL A 170 4.86 -6.63 -15.55
C VAL A 170 5.34 -8.04 -15.25
N GLU A 171 4.79 -8.66 -14.22
CA GLU A 171 5.18 -10.02 -13.87
C GLU A 171 3.97 -10.93 -13.74
N LYS A 172 4.08 -12.15 -14.23
CA LYS A 172 3.03 -13.15 -14.08
C LYS A 172 3.30 -14.03 -12.87
N GLU A 173 2.46 -13.91 -11.85
CA GLU A 173 2.65 -14.66 -10.62
C GLU A 173 2.11 -16.09 -10.74
#